data_6ULK
#
_entry.id   6ULK
#
_cell.length_a   95.630
_cell.length_b   77.053
_cell.length_c   62.307
_cell.angle_alpha   90.000
_cell.angle_beta   120.597
_cell.angle_gamma   90.000
#
_symmetry.space_group_name_H-M   'C 1 2 1'
#
loop_
_entity.id
_entity.type
_entity.pdbx_description
1 polymer 'HLA class I antigen'
2 polymer Beta-2-microglobulin
3 polymer GLY-ALA-ASP-GLY-VAL-GLY-LYS-SER-ALA-LEU
4 water water
#
loop_
_entity_poly.entity_id
_entity_poly.type
_entity_poly.pdbx_seq_one_letter_code
_entity_poly.pdbx_strand_id
1 'polypeptide(L)'
;CSHSMRYFYTAVSRPGRGEPRFIAVGYVDDTQFVQFDSDAASPRGEPRAPWVEQEGPEYWDRETQKYKRQAQTDRVSLRN
LRGYYNQSEAGSHTLQRMYGCDLGPDGRLLRGYNQFAYDGKDYIALNEDLRSWTAADKAAQITQRKWEAAREAEQRRAYL
EGTCVEWLRRYLENGKKTLQRAEHPKTHVTHHPVSDHEATLRCWALGFYPAEITLTWQRDGEDQTQDTELVETRPAGDGT
FQKWAAVVVPSGEEQRYTCHVQHEGLPEPLTLRW
;
A
2 'polypeptide(L)'
;MIQRTPKIQVYSRHPAENGKSNFLNCYVSGFHPSDIEVDLLKNGERIEKVEHSDLSFSKDWSFYLLYYTEFTPTEKDEYA
CRVNHVTLSQPKIVKWDRDM
;
B
3 'polypeptide(L)' GADGVGKSAL C
#
# COMPACT_ATOMS: atom_id res chain seq x y z
N SER A 2 12.35 -13.92 5.19
CA SER A 2 12.85 -12.85 4.32
C SER A 2 12.31 -11.50 4.75
N HIS A 3 13.22 -10.54 4.95
CA HIS A 3 12.86 -9.17 5.28
C HIS A 3 13.23 -8.24 4.14
N SER A 4 12.66 -7.05 4.17
CA SER A 4 12.87 -6.10 3.09
C SER A 4 12.70 -4.67 3.60
N MET A 5 13.40 -3.74 2.94
CA MET A 5 13.17 -2.31 3.12
C MET A 5 12.86 -1.71 1.75
N ARG A 6 11.75 -1.00 1.64
CA ARG A 6 11.22 -0.54 0.36
C ARG A 6 10.80 0.91 0.45
N TYR A 7 11.11 1.68 -0.59
CA TYR A 7 10.76 3.08 -0.67
C TYR A 7 9.81 3.31 -1.84
N PHE A 8 8.83 4.20 -1.65
CA PHE A 8 7.83 4.51 -2.65
C PHE A 8 7.78 6.02 -2.84
N TYR A 9 8.07 6.49 -4.05
CA TYR A 9 8.10 7.91 -4.40
C TYR A 9 7.00 8.21 -5.41
N THR A 10 6.29 9.33 -5.20
CA THR A 10 5.30 9.81 -6.16
C THR A 10 5.48 11.31 -6.38
N ALA A 11 5.60 11.72 -7.64
CA ALA A 11 5.63 13.13 -8.01
C ALA A 11 4.51 13.43 -9.01
N VAL A 12 3.77 14.51 -8.77
CA VAL A 12 2.61 14.83 -9.60
C VAL A 12 2.68 16.28 -10.03
N SER A 13 2.61 16.52 -11.35
CA SER A 13 2.60 17.90 -11.82
C SER A 13 1.19 18.47 -11.78
N ARG A 14 1.12 19.79 -11.81
CA ARG A 14 -0.12 20.53 -11.71
C ARG A 14 0.07 21.88 -12.35
N PRO A 15 0.16 21.96 -13.68
CA PRO A 15 0.53 23.22 -14.34
C PRO A 15 -0.51 24.29 -14.08
N GLY A 16 -0.03 25.50 -13.85
CA GLY A 16 -0.88 26.61 -13.46
C GLY A 16 -1.14 26.73 -11.98
N ARG A 17 -0.76 25.73 -11.18
CA ARG A 17 -1.01 25.73 -9.74
C ARG A 17 0.27 25.38 -8.97
N GLY A 18 1.38 26.02 -9.30
CA GLY A 18 2.62 25.76 -8.60
C GLY A 18 3.37 24.56 -9.17
N GLU A 19 4.45 24.21 -8.47
CA GLU A 19 5.39 23.21 -8.95
C GLU A 19 4.97 21.82 -8.48
N PRO A 20 5.48 20.75 -9.10
CA PRO A 20 5.02 19.40 -8.76
C PRO A 20 5.20 19.07 -7.28
N ARG A 21 4.24 18.31 -6.75
CA ARG A 21 4.29 17.83 -5.36
C ARG A 21 5.05 16.51 -5.31
N PHE A 22 5.80 16.29 -4.24
CA PHE A 22 6.61 15.09 -4.08
C PHE A 22 6.30 14.40 -2.76
N ILE A 23 5.98 13.11 -2.82
CA ILE A 23 5.63 12.32 -1.64
C ILE A 23 6.48 11.06 -1.60
N ALA A 24 7.09 10.79 -0.45
CA ALA A 24 7.87 9.58 -0.24
C ALA A 24 7.40 8.86 1.02
N VAL A 25 7.40 7.53 0.97
CA VAL A 25 7.13 6.71 2.15
C VAL A 25 8.10 5.52 2.13
N GLY A 26 8.40 5.01 3.31
CA GLY A 26 9.36 3.94 3.45
C GLY A 26 8.84 2.88 4.40
N TYR A 27 9.11 1.62 4.05
CA TYR A 27 8.60 0.48 4.79
C TYR A 27 9.74 -0.46 5.13
N VAL A 28 9.63 -1.10 6.29
CA VAL A 28 10.35 -2.33 6.60
C VAL A 28 9.30 -3.42 6.67
N ASP A 29 9.43 -4.42 5.81
CA ASP A 29 8.39 -5.42 5.62
C ASP A 29 7.06 -4.70 5.39
N ASP A 30 6.03 -4.98 6.18
CA ASP A 30 4.74 -4.33 6.01
C ASP A 30 4.51 -3.19 7.01
N THR A 31 5.57 -2.65 7.61
CA THR A 31 5.49 -1.61 8.63
C THR A 31 6.08 -0.31 8.08
N GLN A 32 5.25 0.73 7.94
CA GLN A 32 5.79 2.01 7.51
C GLN A 32 6.57 2.66 8.64
N PHE A 33 7.67 3.32 8.29
CA PHE A 33 8.51 4.01 9.27
C PHE A 33 8.88 5.45 8.90
N VAL A 34 8.65 5.91 7.68
CA VAL A 34 8.97 7.28 7.32
C VAL A 34 7.99 7.79 6.29
N GLN A 35 7.79 9.11 6.28
CA GLN A 35 7.06 9.76 5.21
C GLN A 35 7.59 11.18 5.02
N PHE A 36 7.46 11.67 3.79
CA PHE A 36 7.82 13.02 3.41
C PHE A 36 6.79 13.51 2.41
N ASP A 37 6.36 14.77 2.55
CA ASP A 37 5.42 15.41 1.64
C ASP A 37 5.90 16.85 1.42
N SER A 38 6.25 17.18 0.17
CA SER A 38 6.71 18.53 -0.13
C SER A 38 5.64 19.59 0.12
N ASP A 39 4.37 19.21 0.09
CA ASP A 39 3.26 20.10 0.37
C ASP A 39 2.91 20.20 1.85
N ALA A 40 3.63 19.48 2.72
CA ALA A 40 3.34 19.54 4.15
C ALA A 40 3.49 20.97 4.66
N ALA A 41 2.88 21.24 5.83
CA ALA A 41 3.04 22.55 6.44
C ALA A 41 4.51 22.86 6.71
N SER A 42 5.26 21.88 7.20
CA SER A 42 6.71 21.99 7.37
C SER A 42 7.35 20.77 6.73
N PRO A 43 7.84 20.86 5.49
CA PRO A 43 8.26 19.65 4.77
C PRO A 43 9.52 19.03 5.34
N ARG A 44 9.39 17.86 5.96
CA ARG A 44 10.57 17.21 6.54
C ARG A 44 10.29 15.72 6.69
N GLY A 45 11.36 14.96 6.86
CA GLY A 45 11.21 13.53 7.13
C GLY A 45 10.54 13.31 8.48
N GLU A 46 9.51 12.47 8.49
CA GLU A 46 8.76 12.27 9.72
C GLU A 46 8.72 10.79 10.10
N PRO A 47 8.89 10.48 11.39
CA PRO A 47 8.80 9.09 11.83
C PRO A 47 7.36 8.56 11.80
N ARG A 48 7.25 7.29 11.43
CA ARG A 48 5.98 6.56 11.48
C ARG A 48 6.08 5.28 12.29
N ALA A 49 7.22 5.02 12.93
CA ALA A 49 7.44 3.79 13.69
C ALA A 49 8.27 4.12 14.93
N PRO A 50 8.06 3.40 16.03
CA PRO A 50 8.79 3.72 17.26
C PRO A 50 10.29 3.48 17.18
N TRP A 51 10.74 2.52 16.37
CA TRP A 51 12.14 2.18 16.32
C TRP A 51 12.97 3.12 15.45
N VAL A 52 12.37 4.18 14.91
CA VAL A 52 13.14 5.28 14.31
C VAL A 52 12.91 6.60 15.01
N GLU A 53 12.04 6.67 16.02
CA GLU A 53 11.84 7.91 16.76
C GLU A 53 13.09 8.29 17.56
N GLN A 54 13.93 7.31 17.87
CA GLN A 54 15.09 7.47 18.74
C GLN A 54 16.38 7.77 17.98
N GLU A 55 16.32 7.97 16.66
CA GLU A 55 17.54 7.99 15.87
C GLU A 55 18.33 9.29 15.99
N GLY A 56 17.73 10.37 16.50
CA GLY A 56 18.46 11.59 16.71
C GLY A 56 18.22 12.62 15.62
N PRO A 57 18.33 13.92 15.96
CA PRO A 57 18.02 14.96 14.97
C PRO A 57 18.96 14.96 13.78
N GLU A 58 20.21 14.50 13.95
CA GLU A 58 21.16 14.47 12.85
C GLU A 58 20.70 13.53 11.74
N TYR A 59 20.22 12.34 12.11
CA TYR A 59 19.69 11.41 11.14
C TYR A 59 18.49 12.00 10.41
N TRP A 60 17.59 12.65 11.15
CA TRP A 60 16.37 13.16 10.55
C TRP A 60 16.64 14.40 9.70
N ASP A 61 17.63 15.20 10.07
CA ASP A 61 18.06 16.30 9.20
C ASP A 61 18.62 15.75 7.89
N ARG A 62 19.35 14.65 7.95
CA ARG A 62 19.94 14.09 6.74
C ARG A 62 18.88 13.50 5.82
N GLU A 63 17.88 12.79 6.39
CA GLU A 63 16.82 12.26 5.54
C GLU A 63 15.99 13.38 4.92
N THR A 64 15.69 14.43 5.70
CA THR A 64 14.98 15.57 5.16
C THR A 64 15.70 16.18 3.96
N GLN A 65 17.03 16.30 4.03
CA GLN A 65 17.76 16.91 2.92
C GLN A 65 17.76 16.02 1.69
N LYS A 66 17.82 14.70 1.88
CA LYS A 66 17.76 13.79 0.74
C LYS A 66 16.41 13.88 0.03
N TYR A 67 15.32 14.03 0.78
CA TYR A 67 14.01 14.11 0.16
C TYR A 67 13.83 15.43 -0.59
N LYS A 68 14.31 16.53 -0.02
CA LYS A 68 14.19 17.82 -0.68
C LYS A 68 14.98 17.85 -1.98
N ARG A 69 16.17 17.24 -1.99
CA ARG A 69 16.94 17.17 -3.24
C ARG A 69 16.27 16.26 -4.26
N GLN A 70 15.74 15.11 -3.81
CA GLN A 70 15.03 14.21 -4.72
C GLN A 70 13.84 14.91 -5.35
N ALA A 71 13.08 15.67 -4.55
CA ALA A 71 11.91 16.38 -5.07
C ALA A 71 12.29 17.29 -6.23
N GLN A 72 13.39 18.05 -6.11
CA GLN A 72 13.79 18.94 -7.19
C GLN A 72 14.24 18.17 -8.43
N THR A 73 14.88 17.01 -8.26
CA THR A 73 15.26 16.22 -9.43
C THR A 73 14.02 15.61 -10.09
N ASP A 74 13.04 15.18 -9.29
CA ASP A 74 11.79 14.65 -9.84
C ASP A 74 11.04 15.70 -10.65
N ARG A 75 11.09 16.96 -10.22
CA ARG A 75 10.49 18.01 -11.04
C ARG A 75 11.16 18.10 -12.40
N VAL A 76 12.49 18.03 -12.43
CA VAL A 76 13.20 18.05 -13.70
C VAL A 76 12.81 16.86 -14.56
N SER A 77 12.73 15.67 -13.95
CA SER A 77 12.34 14.48 -14.69
C SER A 77 10.94 14.62 -15.30
N LEU A 78 10.00 15.19 -14.53
CA LEU A 78 8.66 15.40 -15.07
C LEU A 78 8.70 16.34 -16.27
N ARG A 79 9.56 17.36 -16.23
CA ARG A 79 9.66 18.26 -17.38
C ARG A 79 10.29 17.58 -18.58
N ASN A 80 11.32 16.77 -18.36
CA ASN A 80 11.94 16.05 -19.48
C ASN A 80 10.95 15.08 -20.11
N LEU A 81 10.17 14.38 -19.29
CA LEU A 81 9.26 13.36 -19.82
C LEU A 81 8.18 13.99 -20.69
N ARG A 82 7.67 15.15 -20.30
CA ARG A 82 6.68 15.84 -21.13
C ARG A 82 7.25 16.15 -22.50
N GLY A 83 8.53 16.52 -22.58
CA GLY A 83 9.16 16.74 -23.86
C GLY A 83 9.32 15.48 -24.68
N TYR A 84 9.74 14.38 -24.04
CA TYR A 84 9.95 13.13 -24.78
C TYR A 84 8.69 12.70 -25.52
N TYR A 85 7.53 12.87 -24.88
CA TYR A 85 6.28 12.42 -25.44
C TYR A 85 5.54 13.51 -26.21
N ASN A 86 6.14 14.70 -26.32
CA ASN A 86 5.54 15.82 -27.06
C ASN A 86 4.16 16.19 -26.51
N GLN A 87 4.05 16.19 -25.18
CA GLN A 87 2.76 16.43 -24.52
C GLN A 87 2.57 17.92 -24.23
N SER A 88 1.30 18.32 -24.18
CA SER A 88 0.97 19.71 -23.89
C SER A 88 1.46 20.10 -22.50
N GLU A 89 1.75 21.39 -22.34
CA GLU A 89 2.22 21.91 -21.06
C GLU A 89 1.09 22.17 -20.07
N ALA A 90 -0.16 21.86 -20.42
CA ALA A 90 -1.27 22.06 -19.51
C ALA A 90 -1.67 20.82 -18.72
N GLY A 91 -1.34 19.63 -19.22
CA GLY A 91 -1.79 18.42 -18.55
C GLY A 91 -0.98 18.07 -17.33
N SER A 92 -1.64 17.45 -16.35
CA SER A 92 -0.96 17.01 -15.14
C SER A 92 -0.48 15.56 -15.35
N HIS A 93 0.71 15.26 -14.84
CA HIS A 93 1.31 13.96 -15.08
C HIS A 93 1.94 13.43 -13.78
N THR A 94 2.13 12.10 -13.73
CA THR A 94 2.55 11.38 -12.53
C THR A 94 3.83 10.61 -12.81
N LEU A 95 4.81 10.73 -11.90
CA LEU A 95 6.03 9.91 -11.93
C LEU A 95 6.14 9.15 -10.61
N GLN A 96 6.31 7.84 -10.68
CA GLN A 96 6.41 6.98 -9.51
C GLN A 96 7.70 6.17 -9.57
N ARG A 97 8.29 5.91 -8.40
CA ARG A 97 9.50 5.12 -8.29
C ARG A 97 9.42 4.22 -7.06
N MET A 98 9.78 2.96 -7.23
CA MET A 98 9.95 2.06 -6.10
C MET A 98 11.34 1.43 -6.16
N TYR A 99 12.04 1.43 -5.03
CA TYR A 99 13.32 0.76 -4.91
C TYR A 99 13.45 0.15 -3.51
N GLY A 100 14.41 -0.75 -3.36
CA GLY A 100 14.66 -1.34 -2.06
C GLY A 100 15.48 -2.61 -2.17
N CYS A 101 15.64 -3.27 -1.02
CA CYS A 101 16.47 -4.47 -0.93
C CYS A 101 15.80 -5.53 -0.07
N ASP A 102 16.09 -6.78 -0.41
CA ASP A 102 15.49 -7.97 0.18
C ASP A 102 16.58 -8.74 0.92
N LEU A 103 16.40 -8.94 2.21
CA LEU A 103 17.36 -9.66 3.05
C LEU A 103 16.89 -11.10 3.16
N GLY A 104 17.41 -11.97 2.27
CA GLY A 104 17.00 -13.35 2.19
C GLY A 104 17.03 -14.09 3.52
N PRO A 105 16.35 -15.26 3.58
CA PRO A 105 16.14 -15.93 4.89
C PRO A 105 17.38 -16.09 5.74
N ASP A 106 18.55 -16.34 5.12
CA ASP A 106 19.78 -16.45 5.90
C ASP A 106 20.17 -15.12 6.53
N GLY A 107 19.80 -14.01 5.90
CA GLY A 107 20.23 -12.69 6.32
C GLY A 107 21.24 -12.02 5.41
N ARG A 108 21.45 -12.54 4.20
CA ARG A 108 22.35 -11.91 3.25
C ARG A 108 21.53 -10.91 2.43
N LEU A 109 22.08 -10.43 1.32
CA LEU A 109 21.34 -9.61 0.37
C LEU A 109 20.91 -10.51 -0.79
N LEU A 110 19.61 -10.82 -0.85
CA LEU A 110 19.11 -11.70 -1.90
C LEU A 110 18.83 -10.90 -3.18
N ARG A 111 18.15 -9.77 -3.05
CA ARG A 111 17.57 -9.10 -4.20
C ARG A 111 17.53 -7.59 -3.97
N GLY A 112 17.68 -6.85 -5.07
CA GLY A 112 17.41 -5.42 -5.07
C GLY A 112 16.61 -5.06 -6.31
N TYR A 113 16.06 -3.84 -6.29
CA TYR A 113 15.22 -3.41 -7.39
C TYR A 113 15.14 -1.90 -7.42
N ASN A 114 14.84 -1.37 -8.61
CA ASN A 114 14.73 0.07 -8.81
C ASN A 114 13.93 0.29 -10.09
N GLN A 115 12.66 0.64 -9.94
CA GLN A 115 11.71 0.70 -11.05
C GLN A 115 10.95 2.03 -11.05
N PHE A 116 10.60 2.48 -12.26
CA PHE A 116 9.93 3.75 -12.47
C PHE A 116 8.72 3.56 -13.37
N ALA A 117 7.68 4.34 -13.12
CA ALA A 117 6.49 4.34 -13.96
C ALA A 117 6.08 5.78 -14.26
N TYR A 118 5.56 5.99 -15.47
CA TYR A 118 5.10 7.29 -15.91
C TYR A 118 3.62 7.20 -16.22
N ASP A 119 2.82 8.01 -15.51
CA ASP A 119 1.36 8.01 -15.67
C ASP A 119 0.78 6.61 -15.54
N GLY A 120 1.22 5.91 -14.49
CA GLY A 120 0.68 4.62 -14.13
C GLY A 120 1.11 3.44 -14.98
N LYS A 121 2.05 3.65 -15.91
CA LYS A 121 2.56 2.61 -16.80
C LYS A 121 4.06 2.45 -16.60
N ASP A 122 4.53 1.19 -16.70
CA ASP A 122 5.96 0.92 -16.66
C ASP A 122 6.72 1.82 -17.64
N TYR A 123 7.81 2.42 -17.15
CA TYR A 123 8.63 3.30 -17.97
C TYR A 123 10.02 2.73 -18.13
N ILE A 124 10.82 2.66 -17.06
CA ILE A 124 12.15 2.08 -17.10
C ILE A 124 12.40 1.32 -15.79
N ALA A 125 13.21 0.27 -15.86
CA ALA A 125 13.44 -0.55 -14.68
C ALA A 125 14.84 -1.14 -14.70
N LEU A 126 15.49 -1.13 -13.54
CA LEU A 126 16.76 -1.83 -13.37
C LEU A 126 16.51 -3.33 -13.41
N ASN A 127 17.19 -4.03 -14.30
CA ASN A 127 16.94 -5.45 -14.39
C ASN A 127 17.56 -6.16 -13.19
N GLU A 128 17.12 -7.41 -12.99
CA GLU A 128 17.47 -8.17 -11.80
C GLU A 128 18.98 -8.18 -11.54
N ASP A 129 19.79 -8.18 -12.61
CA ASP A 129 21.23 -8.16 -12.42
C ASP A 129 21.75 -6.81 -11.93
N LEU A 130 20.91 -5.78 -11.86
CA LEU A 130 21.30 -4.44 -11.41
C LEU A 130 22.42 -3.86 -12.27
N ARG A 131 22.41 -4.19 -13.56
CA ARG A 131 23.46 -3.77 -14.47
C ARG A 131 22.89 -3.22 -15.77
N SER A 132 21.74 -3.73 -16.19
CA SER A 132 21.11 -3.33 -17.44
C SER A 132 19.75 -2.71 -17.15
N TRP A 133 19.17 -2.12 -18.19
CA TRP A 133 17.86 -1.48 -18.09
C TRP A 133 16.90 -2.08 -19.11
N THR A 134 15.62 -2.05 -18.75
CA THR A 134 14.52 -2.45 -19.62
C THR A 134 13.62 -1.24 -19.81
N ALA A 135 13.61 -0.70 -21.04
CA ALA A 135 12.80 0.45 -21.38
C ALA A 135 11.52 0.00 -22.06
N ALA A 136 10.41 0.68 -21.74
CA ALA A 136 9.11 0.26 -22.27
C ALA A 136 8.85 0.77 -23.67
N ASP A 137 9.48 1.88 -24.08
CA ASP A 137 9.19 2.46 -25.38
C ASP A 137 10.37 3.32 -25.80
N LYS A 138 10.17 4.11 -26.86
CA LYS A 138 11.27 4.91 -27.39
C LYS A 138 11.64 6.05 -26.46
N ALA A 139 10.66 6.65 -25.76
CA ALA A 139 11.00 7.72 -24.83
C ALA A 139 11.87 7.19 -23.69
N ALA A 140 11.55 5.99 -23.20
CA ALA A 140 12.36 5.40 -22.14
C ALA A 140 13.74 4.98 -22.64
N GLN A 141 13.90 4.77 -23.94
CA GLN A 141 15.23 4.51 -24.50
C GLN A 141 16.12 5.75 -24.40
N ILE A 142 15.52 6.94 -24.43
CA ILE A 142 16.28 8.16 -24.21
C ILE A 142 16.87 8.17 -22.80
N THR A 143 16.07 7.76 -21.81
CA THR A 143 16.56 7.69 -20.44
C THR A 143 17.64 6.64 -20.28
N GLN A 144 17.44 5.48 -20.92
CA GLN A 144 18.42 4.40 -20.82
C GLN A 144 19.76 4.80 -21.41
N ARG A 145 19.75 5.54 -22.52
CA ARG A 145 21.01 5.99 -23.11
C ARG A 145 21.71 6.99 -22.20
N LYS A 146 20.94 7.85 -21.52
CA LYS A 146 21.54 8.83 -20.62
C LYS A 146 22.16 8.17 -19.40
N TRP A 147 21.48 7.17 -18.84
CA TRP A 147 21.91 6.55 -17.59
C TRP A 147 23.05 5.57 -17.80
N GLU A 148 23.07 4.87 -18.93
CA GLU A 148 24.17 3.94 -19.19
C GLU A 148 25.47 4.69 -19.45
N ALA A 149 25.41 5.77 -20.23
CA ALA A 149 26.62 6.58 -20.44
C ALA A 149 27.04 7.29 -19.16
N ALA A 150 26.11 7.53 -18.25
CA ALA A 150 26.42 8.15 -16.97
C ALA A 150 26.78 7.13 -15.90
N ARG A 151 26.67 5.83 -16.21
CA ARG A 151 26.92 4.76 -15.23
C ARG A 151 26.01 4.90 -14.02
N GLU A 152 24.72 5.17 -14.28
CA GLU A 152 23.74 5.27 -13.20
C GLU A 152 23.54 3.93 -12.51
N ALA A 153 23.47 2.85 -13.28
CA ALA A 153 23.21 1.53 -12.71
C ALA A 153 24.25 1.14 -11.66
N GLU A 154 25.52 1.54 -11.87
CA GLU A 154 26.55 1.15 -10.91
C GLU A 154 26.40 1.91 -9.60
N GLN A 155 25.92 3.16 -9.65
CA GLN A 155 25.69 3.90 -8.42
C GLN A 155 24.50 3.33 -7.63
N ARG A 156 23.41 2.99 -8.33
CA ARG A 156 22.26 2.40 -7.66
C ARG A 156 22.60 1.05 -7.05
N ARG A 157 23.35 0.22 -7.77
CA ARG A 157 23.77 -1.05 -7.22
C ARG A 157 24.60 -0.84 -5.96
N ALA A 158 25.52 0.12 -5.99
CA ALA A 158 26.30 0.45 -4.80
C ALA A 158 25.42 0.81 -3.62
N TYR A 159 24.26 1.40 -3.86
CA TYR A 159 23.37 1.68 -2.74
C TYR A 159 22.57 0.44 -2.34
N LEU A 160 21.92 -0.20 -3.32
CA LEU A 160 21.12 -1.39 -3.02
C LEU A 160 21.95 -2.47 -2.34
N GLU A 161 23.14 -2.75 -2.87
CA GLU A 161 24.12 -3.54 -2.14
C GLU A 161 24.72 -2.69 -1.02
N GLY A 162 24.91 -3.30 0.15
CA GLY A 162 25.53 -2.55 1.23
C GLY A 162 24.64 -1.55 1.96
N THR A 163 24.56 -0.33 1.44
CA THR A 163 23.93 0.78 2.17
C THR A 163 22.47 0.47 2.53
N CYS A 164 21.69 0.05 1.53
CA CYS A 164 20.31 -0.36 1.79
C CYS A 164 20.27 -1.50 2.79
N VAL A 165 21.16 -2.49 2.63
CA VAL A 165 21.21 -3.64 3.52
C VAL A 165 21.65 -3.24 4.93
N GLU A 166 22.52 -2.23 5.06
CA GLU A 166 22.99 -1.86 6.39
C GLU A 166 21.88 -1.19 7.19
N TRP A 167 21.20 -0.21 6.59
CA TRP A 167 20.03 0.38 7.25
C TRP A 167 19.03 -0.70 7.65
N LEU A 168 18.70 -1.60 6.72
CA LEU A 168 17.70 -2.63 6.99
C LEU A 168 18.06 -3.45 8.22
N ARG A 169 19.30 -3.95 8.27
CA ARG A 169 19.72 -4.75 9.43
C ARG A 169 19.64 -3.94 10.71
N ARG A 170 20.01 -2.66 10.66
CA ARG A 170 19.92 -1.83 11.86
C ARG A 170 18.46 -1.67 12.31
N TYR A 171 17.55 -1.46 11.35
CA TYR A 171 16.14 -1.29 11.69
C TYR A 171 15.56 -2.57 12.30
N LEU A 172 15.99 -3.73 11.81
CA LEU A 172 15.45 -4.98 12.34
C LEU A 172 15.92 -5.22 13.77
N GLU A 173 17.13 -4.77 14.11
CA GLU A 173 17.62 -4.93 15.48
C GLU A 173 16.94 -3.96 16.43
N ASN A 174 16.78 -2.69 16.02
CA ASN A 174 16.14 -1.70 16.88
C ASN A 174 14.66 -2.04 17.12
N GLY A 175 13.96 -2.51 16.09
CA GLY A 175 12.57 -2.86 16.24
C GLY A 175 12.29 -4.35 16.29
N LYS A 176 13.21 -5.11 16.90
CA LYS A 176 13.07 -6.56 16.93
C LYS A 176 11.76 -7.00 17.58
N LYS A 177 11.32 -6.28 18.62
CA LYS A 177 10.13 -6.68 19.36
C LYS A 177 8.90 -6.75 18.47
N THR A 178 8.81 -5.88 17.46
CA THR A 178 7.64 -5.79 16.60
C THR A 178 7.89 -6.15 15.14
N LEU A 179 9.14 -6.20 14.68
CA LEU A 179 9.41 -6.53 13.29
C LEU A 179 9.74 -8.00 13.08
N GLN A 180 10.31 -8.66 14.07
CA GLN A 180 10.66 -10.08 13.98
C GLN A 180 9.65 -10.96 14.69
N ARG A 181 8.42 -10.48 14.86
CA ARG A 181 7.32 -11.27 15.38
C ARG A 181 6.29 -11.46 14.27
N ALA A 182 5.56 -12.56 14.34
CA ALA A 182 4.43 -12.79 13.45
C ALA A 182 3.19 -13.03 14.31
N GLU A 183 2.16 -12.21 14.10
CA GLU A 183 0.90 -12.38 14.82
C GLU A 183 -0.04 -13.21 13.96
N HIS A 184 -0.50 -14.34 14.49
CA HIS A 184 -1.41 -15.22 13.78
C HIS A 184 -2.77 -14.56 13.59
N PRO A 185 -3.55 -15.00 12.60
CA PRO A 185 -4.89 -14.45 12.43
C PRO A 185 -5.86 -14.98 13.48
N LYS A 186 -6.75 -14.09 13.94
CA LYS A 186 -7.92 -14.49 14.72
C LYS A 186 -9.08 -14.70 13.75
N THR A 187 -9.65 -15.91 13.74
CA THR A 187 -10.58 -16.34 12.70
C THR A 187 -11.97 -16.61 13.26
N HIS A 188 -12.96 -16.54 12.37
CA HIS A 188 -14.30 -17.03 12.64
C HIS A 188 -15.06 -17.07 11.32
N VAL A 189 -16.19 -17.78 11.32
CA VAL A 189 -17.00 -17.98 10.13
C VAL A 189 -18.42 -17.49 10.40
N THR A 190 -18.97 -16.69 9.49
CA THR A 190 -20.36 -16.23 9.58
C THR A 190 -21.19 -16.82 8.45
N HIS A 191 -22.52 -16.76 8.63
CA HIS A 191 -23.46 -17.41 7.74
C HIS A 191 -24.60 -16.46 7.42
N HIS A 192 -24.90 -16.28 6.14
CA HIS A 192 -25.97 -15.36 5.70
C HIS A 192 -26.90 -16.08 4.72
N PRO A 193 -28.17 -16.29 5.06
CA PRO A 193 -29.11 -16.77 4.06
C PRO A 193 -29.25 -15.77 2.92
N VAL A 194 -29.41 -16.29 1.72
CA VAL A 194 -29.55 -15.50 0.51
C VAL A 194 -30.94 -15.63 -0.07
N SER A 195 -31.41 -16.85 -0.23
CA SER A 195 -32.70 -17.14 -0.83
C SER A 195 -33.30 -18.30 -0.06
N ASP A 196 -34.36 -18.89 -0.60
CA ASP A 196 -34.92 -20.08 0.01
C ASP A 196 -34.08 -21.33 -0.27
N HIS A 197 -32.91 -21.19 -0.92
CA HIS A 197 -32.05 -22.37 -1.13
C HIS A 197 -30.56 -22.04 -1.24
N GLU A 198 -30.13 -20.79 -1.08
CA GLU A 198 -28.73 -20.41 -1.12
C GLU A 198 -28.35 -19.69 0.16
N ALA A 199 -27.09 -19.82 0.55
CA ALA A 199 -26.56 -19.12 1.72
C ALA A 199 -25.10 -18.78 1.47
N THR A 200 -24.62 -17.72 2.13
CA THR A 200 -23.23 -17.29 2.03
C THR A 200 -22.47 -17.67 3.28
N LEU A 201 -21.33 -18.32 3.11
CA LEU A 201 -20.39 -18.57 4.18
C LEU A 201 -19.19 -17.64 4.00
N ARG A 202 -18.78 -16.98 5.07
CA ARG A 202 -17.69 -16.01 5.03
C ARG A 202 -16.67 -16.38 6.09
N CYS A 203 -15.45 -16.67 5.65
CA CYS A 203 -14.33 -16.98 6.53
C CYS A 203 -13.55 -15.70 6.81
N TRP A 204 -13.33 -15.40 8.09
CA TRP A 204 -12.69 -14.16 8.51
C TRP A 204 -11.28 -14.39 9.05
N ALA A 205 -10.36 -13.50 8.70
CA ALA A 205 -9.03 -13.47 9.32
C ALA A 205 -8.74 -12.04 9.77
N LEU A 206 -8.51 -11.85 11.07
CA LEU A 206 -8.33 -10.54 11.67
C LEU A 206 -7.03 -10.47 12.48
N GLY A 207 -6.42 -9.28 12.48
CA GLY A 207 -5.29 -9.01 13.36
C GLY A 207 -3.98 -9.72 13.06
N PHE A 208 -3.74 -10.09 11.81
CA PHE A 208 -2.53 -10.85 11.49
C PHE A 208 -1.43 -9.95 10.95
N TYR A 209 -0.19 -10.44 11.04
CA TYR A 209 1.01 -9.74 10.57
C TYR A 209 2.09 -10.79 10.35
N PRO A 210 2.82 -10.75 9.21
CA PRO A 210 2.71 -9.77 8.13
C PRO A 210 1.46 -9.95 7.25
N ALA A 211 1.33 -9.14 6.21
CA ALA A 211 0.08 -9.06 5.46
C ALA A 211 -0.19 -10.30 4.60
N GLU A 212 0.83 -11.10 4.32
CA GLU A 212 0.66 -12.26 3.43
C GLU A 212 -0.20 -13.34 4.08
N ILE A 213 -1.16 -13.89 3.34
CA ILE A 213 -2.08 -14.87 3.90
C ILE A 213 -2.82 -15.54 2.74
N THR A 214 -3.22 -16.79 2.95
CA THR A 214 -4.05 -17.49 1.98
C THR A 214 -5.32 -17.99 2.67
N LEU A 215 -6.47 -17.64 2.12
CA LEU A 215 -7.78 -18.14 2.55
C LEU A 215 -8.42 -18.89 1.39
N THR A 216 -8.73 -20.17 1.61
CA THR A 216 -9.31 -21.00 0.55
C THR A 216 -10.48 -21.82 1.11
N TRP A 217 -11.61 -21.79 0.40
CA TRP A 217 -12.77 -22.61 0.76
C TRP A 217 -12.70 -23.95 0.04
N GLN A 218 -12.94 -25.04 0.77
CA GLN A 218 -13.00 -26.38 0.21
C GLN A 218 -14.41 -26.95 0.34
N ARG A 219 -14.74 -27.86 -0.57
CA ARG A 219 -15.99 -28.61 -0.53
C ARG A 219 -15.65 -30.09 -0.58
N ASP A 220 -16.00 -30.82 0.48
CA ASP A 220 -15.63 -32.24 0.63
C ASP A 220 -14.12 -32.45 0.52
N GLY A 221 -13.32 -31.45 0.90
CA GLY A 221 -11.88 -31.56 0.84
C GLY A 221 -11.24 -31.14 -0.46
N GLU A 222 -12.00 -30.63 -1.42
CA GLU A 222 -11.46 -30.16 -2.69
C GLU A 222 -11.56 -28.65 -2.76
N ASP A 223 -10.44 -27.99 -3.09
CA ASP A 223 -10.41 -26.54 -3.15
C ASP A 223 -11.34 -26.04 -4.23
N GLN A 224 -11.87 -24.83 -4.04
CA GLN A 224 -12.85 -24.23 -4.94
C GLN A 224 -12.43 -22.79 -5.25
N THR A 225 -11.33 -22.64 -6.01
CA THR A 225 -10.77 -21.32 -6.25
C THR A 225 -11.69 -20.45 -7.11
N GLN A 226 -12.45 -21.06 -8.03
CA GLN A 226 -13.18 -20.25 -9.01
C GLN A 226 -14.43 -19.59 -8.44
N ASP A 227 -15.08 -20.21 -7.46
CA ASP A 227 -16.32 -19.67 -6.90
C ASP A 227 -16.13 -19.00 -5.55
N THR A 228 -14.91 -18.62 -5.21
CA THR A 228 -14.62 -17.98 -3.92
C THR A 228 -14.41 -16.49 -4.12
N GLU A 229 -15.17 -15.69 -3.39
CA GLU A 229 -15.04 -14.24 -3.42
C GLU A 229 -14.02 -13.81 -2.37
N LEU A 230 -12.95 -13.14 -2.80
CA LEU A 230 -11.88 -12.70 -1.93
C LEU A 230 -11.78 -11.18 -2.01
N VAL A 231 -11.81 -10.52 -0.86
CA VAL A 231 -11.52 -9.09 -0.82
C VAL A 231 -10.02 -8.91 -0.72
N GLU A 232 -9.56 -7.74 -1.17
CA GLU A 232 -8.17 -7.35 -0.97
C GLU A 232 -7.87 -7.21 0.52
N THR A 233 -6.73 -7.76 0.92
CA THR A 233 -6.23 -7.60 2.30
C THR A 233 -6.14 -6.12 2.66
N ARG A 234 -6.64 -5.78 3.85
CA ARG A 234 -6.82 -4.40 4.23
C ARG A 234 -6.17 -4.13 5.58
N PRO A 235 -5.63 -2.92 5.78
CA PRO A 235 -5.02 -2.56 7.07
C PRO A 235 -6.06 -2.30 8.13
N ALA A 236 -5.81 -2.81 9.33
CA ALA A 236 -6.69 -2.51 10.46
C ALA A 236 -6.45 -1.13 11.04
N GLY A 237 -5.25 -0.57 10.83
CA GLY A 237 -4.90 0.74 11.39
C GLY A 237 -4.00 0.68 12.60
N ASP A 238 -3.80 -0.50 13.19
CA ASP A 238 -2.91 -0.68 14.33
C ASP A 238 -1.62 -1.40 13.94
N GLY A 239 -1.36 -1.58 12.65
CA GLY A 239 -0.21 -2.32 12.17
C GLY A 239 -0.51 -3.73 11.70
N THR A 240 -1.73 -4.23 11.92
CA THR A 240 -2.13 -5.56 11.50
C THR A 240 -3.09 -5.47 10.31
N PHE A 241 -3.51 -6.63 9.80
CA PHE A 241 -4.28 -6.69 8.57
C PHE A 241 -5.51 -7.59 8.73
N GLN A 242 -6.43 -7.46 7.78
CA GLN A 242 -7.69 -8.20 7.77
C GLN A 242 -7.99 -8.69 6.37
N LYS A 243 -8.68 -9.83 6.29
CA LYS A 243 -9.11 -10.37 5.01
C LYS A 243 -10.31 -11.28 5.25
N TRP A 244 -11.12 -11.47 4.21
CA TRP A 244 -12.12 -12.51 4.29
C TRP A 244 -12.35 -13.12 2.92
N ALA A 245 -13.03 -14.27 2.93
CA ALA A 245 -13.30 -15.06 1.74
C ALA A 245 -14.69 -15.64 1.89
N ALA A 246 -15.49 -15.56 0.83
CA ALA A 246 -16.88 -15.97 0.90
C ALA A 246 -17.19 -16.95 -0.22
N VAL A 247 -18.19 -17.80 0.04
CA VAL A 247 -18.68 -18.74 -0.96
C VAL A 247 -20.18 -18.85 -0.78
N VAL A 248 -20.90 -19.01 -1.88
CA VAL A 248 -22.34 -19.19 -1.84
C VAL A 248 -22.62 -20.67 -2.00
N VAL A 249 -23.31 -21.25 -1.03
CA VAL A 249 -23.45 -22.70 -0.95
C VAL A 249 -24.93 -23.03 -0.99
N PRO A 250 -25.28 -24.25 -1.40
CA PRO A 250 -26.68 -24.68 -1.33
C PRO A 250 -27.10 -24.89 0.12
N SER A 251 -28.22 -24.30 0.50
CA SER A 251 -28.76 -24.47 1.85
C SER A 251 -28.96 -25.94 2.14
N GLY A 252 -28.53 -26.37 3.32
CA GLY A 252 -28.51 -27.77 3.67
C GLY A 252 -27.15 -28.43 3.55
N GLU A 253 -26.19 -27.81 2.87
CA GLU A 253 -24.89 -28.42 2.60
C GLU A 253 -23.74 -27.69 3.27
N GLU A 254 -24.04 -26.78 4.21
CA GLU A 254 -23.00 -25.96 4.82
C GLU A 254 -21.89 -26.80 5.44
N GLN A 255 -22.23 -27.97 6.00
CA GLN A 255 -21.25 -28.80 6.68
C GLN A 255 -20.26 -29.44 5.71
N ARG A 256 -20.52 -29.41 4.40
CA ARG A 256 -19.59 -29.93 3.41
C ARG A 256 -18.42 -29.00 3.13
N TYR A 257 -18.46 -27.76 3.63
CA TYR A 257 -17.47 -26.75 3.31
C TYR A 257 -16.55 -26.48 4.48
N THR A 258 -15.26 -26.30 4.18
CA THR A 258 -14.26 -25.92 5.17
C THR A 258 -13.42 -24.77 4.62
N CYS A 259 -13.05 -23.86 5.51
CA CYS A 259 -12.14 -22.77 5.18
C CYS A 259 -10.74 -23.12 5.66
N HIS A 260 -9.75 -22.97 4.79
CA HIS A 260 -8.37 -23.28 5.12
C HIS A 260 -7.57 -21.98 5.16
N VAL A 261 -6.82 -21.78 6.24
CA VAL A 261 -6.09 -20.55 6.50
C VAL A 261 -4.60 -20.90 6.63
N GLN A 262 -3.76 -20.23 5.84
CA GLN A 262 -2.32 -20.41 5.89
C GLN A 262 -1.66 -19.08 6.19
N HIS A 263 -0.76 -19.07 7.18
CA HIS A 263 -0.10 -17.83 7.60
C HIS A 263 1.15 -18.15 8.40
N GLU A 264 2.14 -17.25 8.30
CA GLU A 264 3.46 -17.47 8.89
C GLU A 264 3.36 -17.73 10.40
N GLY A 265 2.44 -17.05 11.08
CA GLY A 265 2.25 -17.21 12.51
C GLY A 265 1.50 -18.45 12.95
N LEU A 266 1.04 -19.27 12.01
CA LEU A 266 0.36 -20.52 12.36
C LEU A 266 1.32 -21.68 12.29
N PRO A 267 1.43 -22.49 13.35
CA PRO A 267 2.29 -23.68 13.28
C PRO A 267 1.83 -24.67 12.23
N GLU A 268 0.53 -24.87 12.11
CA GLU A 268 -0.08 -25.71 11.10
C GLU A 268 -1.19 -24.95 10.43
N PRO A 269 -1.52 -25.28 9.18
CA PRO A 269 -2.65 -24.62 8.53
C PRO A 269 -3.95 -24.90 9.27
N LEU A 270 -4.81 -23.89 9.34
CA LEU A 270 -6.07 -23.96 10.06
C LEU A 270 -7.20 -24.47 9.16
N THR A 271 -8.10 -25.27 9.74
CA THR A 271 -9.29 -25.75 9.04
C THR A 271 -10.52 -25.39 9.86
N LEU A 272 -11.39 -24.53 9.32
CA LEU A 272 -12.56 -24.04 10.01
C LEU A 272 -13.84 -24.51 9.34
N ARG A 273 -14.87 -24.73 10.16
CA ARG A 273 -16.17 -25.12 9.65
C ARG A 273 -17.23 -24.28 10.35
N TRP A 274 -18.39 -24.16 9.72
CA TRP A 274 -19.49 -23.45 10.33
C TRP A 274 -20.33 -24.43 11.14
N MET B 1 -2.40 7.48 -20.83
CA MET B 1 -2.45 7.61 -19.38
C MET B 1 -3.51 6.69 -18.78
N ILE B 2 -3.23 6.24 -17.56
CA ILE B 2 -4.05 5.24 -16.87
C ILE B 2 -5.08 5.96 -16.01
N GLN B 3 -6.35 5.59 -16.17
CA GLN B 3 -7.41 6.01 -15.26
C GLN B 3 -8.04 4.74 -14.70
N ARG B 4 -7.88 4.53 -13.39
CA ARG B 4 -8.43 3.37 -12.70
C ARG B 4 -9.27 3.82 -11.51
N THR B 5 -10.42 3.17 -11.32
CA THR B 5 -11.36 3.62 -10.31
C THR B 5 -11.09 2.92 -8.98
N PRO B 6 -11.33 3.59 -7.85
CA PRO B 6 -10.97 3.00 -6.56
C PRO B 6 -11.93 1.92 -6.08
N LYS B 7 -11.36 0.86 -5.51
CA LYS B 7 -12.10 -0.11 -4.72
C LYS B 7 -12.21 0.43 -3.29
N ILE B 8 -13.41 0.37 -2.73
CA ILE B 8 -13.73 1.03 -1.47
C ILE B 8 -14.20 -0.02 -0.47
N GLN B 9 -13.61 -0.02 0.73
CA GLN B 9 -14.00 -0.89 1.84
C GLN B 9 -14.20 -0.06 3.09
N VAL B 10 -15.35 -0.25 3.74
CA VAL B 10 -15.70 0.43 4.99
C VAL B 10 -15.89 -0.63 6.07
N TYR B 11 -15.17 -0.48 7.18
CA TYR B 11 -15.08 -1.52 8.21
C TYR B 11 -14.49 -0.89 9.46
N SER B 12 -14.60 -1.62 10.57
CA SER B 12 -14.01 -1.21 11.83
C SER B 12 -12.73 -1.97 12.11
N ARG B 13 -11.88 -1.37 12.96
CA ARG B 13 -10.60 -1.99 13.32
C ARG B 13 -10.81 -3.29 14.10
N HIS B 14 -11.76 -3.30 15.02
CA HIS B 14 -12.11 -4.47 15.80
C HIS B 14 -13.57 -4.83 15.57
N PRO B 15 -13.97 -6.07 15.82
CA PRO B 15 -15.40 -6.40 15.78
C PRO B 15 -16.21 -5.37 16.56
N ALA B 16 -17.24 -4.84 15.92
CA ALA B 16 -17.98 -3.74 16.51
C ALA B 16 -18.89 -4.26 17.63
N GLU B 17 -18.81 -3.60 18.78
CA GLU B 17 -19.65 -3.88 19.94
C GLU B 17 -20.23 -2.59 20.46
N ASN B 18 -21.55 -2.53 20.60
CA ASN B 18 -22.21 -1.30 21.05
C ASN B 18 -21.64 -0.81 22.37
N GLY B 19 -21.26 0.47 22.39
CA GLY B 19 -20.79 1.12 23.59
C GLY B 19 -19.32 0.94 23.89
N LYS B 20 -18.55 0.39 22.95
CA LYS B 20 -17.14 0.11 23.14
C LYS B 20 -16.35 0.84 22.06
N SER B 21 -15.46 1.74 22.48
CA SER B 21 -14.69 2.55 21.56
C SER B 21 -14.00 1.68 20.51
N ASN B 22 -13.92 2.20 19.29
CA ASN B 22 -13.41 1.45 18.14
C ASN B 22 -12.83 2.46 17.15
N PHE B 23 -12.49 1.98 15.96
CA PHE B 23 -12.03 2.83 14.87
C PHE B 23 -12.79 2.45 13.61
N LEU B 24 -13.29 3.45 12.89
CA LEU B 24 -13.98 3.26 11.63
C LEU B 24 -12.99 3.54 10.51
N ASN B 25 -12.86 2.59 9.58
CA ASN B 25 -11.90 2.67 8.48
C ASN B 25 -12.63 2.79 7.14
N CYS B 26 -12.06 3.59 6.23
CA CYS B 26 -12.44 3.58 4.83
C CYS B 26 -11.15 3.39 4.04
N TYR B 27 -11.00 2.23 3.41
CA TYR B 27 -9.81 1.90 2.66
C TYR B 27 -10.10 2.06 1.18
N VAL B 28 -9.36 2.93 0.50
CA VAL B 28 -9.50 3.12 -0.94
C VAL B 28 -8.21 2.64 -1.60
N SER B 29 -8.36 1.86 -2.66
CA SER B 29 -7.21 1.19 -3.25
C SER B 29 -7.44 1.01 -4.75
N GLY B 30 -6.34 0.79 -5.46
CA GLY B 30 -6.43 0.43 -6.86
C GLY B 30 -6.76 1.56 -7.80
N PHE B 31 -6.57 2.81 -7.38
CA PHE B 31 -6.93 3.95 -8.22
C PHE B 31 -5.71 4.62 -8.85
N HIS B 32 -5.98 5.37 -9.92
CA HIS B 32 -5.01 6.17 -10.65
C HIS B 32 -5.77 7.19 -11.51
N PRO B 33 -5.35 8.47 -11.54
CA PRO B 33 -4.26 9.06 -10.77
C PRO B 33 -4.62 9.30 -9.31
N SER B 34 -3.73 10.00 -8.58
CA SER B 34 -3.72 9.94 -7.12
C SER B 34 -4.71 10.89 -6.46
N ASP B 35 -5.20 11.90 -7.18
CA ASP B 35 -6.05 12.88 -6.52
C ASP B 35 -7.42 12.27 -6.26
N ILE B 36 -7.81 12.29 -4.98
CA ILE B 36 -9.02 11.62 -4.53
C ILE B 36 -9.52 12.39 -3.31
N GLU B 37 -10.82 12.32 -3.08
CA GLU B 37 -11.44 12.97 -1.94
C GLU B 37 -12.30 11.94 -1.24
N VAL B 38 -12.07 11.76 0.07
CA VAL B 38 -12.75 10.73 0.84
C VAL B 38 -13.30 11.35 2.10
N ASP B 39 -14.57 11.09 2.39
CA ASP B 39 -15.21 11.60 3.59
C ASP B 39 -15.90 10.48 4.34
N LEU B 40 -15.79 10.50 5.66
CA LEU B 40 -16.54 9.60 6.51
C LEU B 40 -17.79 10.30 7.01
N LEU B 41 -18.92 9.59 6.96
CA LEU B 41 -20.22 10.18 7.25
C LEU B 41 -20.86 9.49 8.45
N LYS B 42 -21.43 10.29 9.35
CA LYS B 42 -22.19 9.80 10.49
C LYS B 42 -23.62 10.32 10.34
N ASN B 43 -24.57 9.38 10.12
CA ASN B 43 -25.98 9.71 9.91
C ASN B 43 -26.15 10.68 8.73
N GLY B 44 -25.31 10.50 7.71
CA GLY B 44 -25.39 11.31 6.51
C GLY B 44 -24.56 12.57 6.52
N GLU B 45 -24.07 13.00 7.68
CA GLU B 45 -23.30 14.23 7.79
C GLU B 45 -21.80 13.92 7.83
N ARG B 46 -21.02 14.83 7.25
CA ARG B 46 -19.58 14.64 7.19
C ARG B 46 -18.98 14.68 8.59
N ILE B 47 -18.07 13.75 8.87
CA ILE B 47 -17.41 13.66 10.16
C ILE B 47 -16.16 14.53 10.13
N GLU B 48 -15.97 15.33 11.16
CA GLU B 48 -14.78 16.16 11.25
C GLU B 48 -13.64 15.38 11.90
N LYS B 49 -12.43 15.92 11.76
CA LYS B 49 -11.25 15.35 12.41
C LYS B 49 -11.01 13.92 11.95
N VAL B 50 -11.10 13.69 10.64
CA VAL B 50 -10.79 12.40 10.04
C VAL B 50 -9.33 12.40 9.63
N GLU B 51 -8.59 11.38 10.03
CA GLU B 51 -7.18 11.27 9.69
C GLU B 51 -6.99 10.32 8.51
N HIS B 52 -5.82 10.38 7.89
CA HIS B 52 -5.58 9.49 6.75
C HIS B 52 -4.11 9.11 6.70
N SER B 53 -3.85 7.96 6.06
CA SER B 53 -2.49 7.50 5.90
C SER B 53 -1.78 8.28 4.78
N ASP B 54 -0.49 8.02 4.63
CA ASP B 54 0.32 8.69 3.62
C ASP B 54 0.21 7.95 2.29
N LEU B 55 0.16 8.72 1.20
CA LEU B 55 0.01 8.15 -0.14
C LEU B 55 1.09 7.11 -0.44
N SER B 56 0.65 5.91 -0.81
CA SER B 56 1.50 4.81 -1.21
C SER B 56 0.87 4.09 -2.39
N PHE B 57 1.59 3.13 -2.96
CA PHE B 57 1.04 2.42 -4.12
C PHE B 57 1.49 0.96 -4.08
N SER B 58 0.83 0.16 -4.92
CA SER B 58 1.03 -1.28 -4.97
C SER B 58 2.01 -1.65 -6.07
N LYS B 59 2.26 -2.94 -6.22
CA LYS B 59 3.21 -3.39 -7.22
C LYS B 59 2.75 -3.05 -8.64
N ASP B 60 1.44 -2.92 -8.85
CA ASP B 60 0.92 -2.53 -10.16
C ASP B 60 0.81 -1.02 -10.34
N TRP B 61 1.39 -0.24 -9.42
CA TRP B 61 1.49 1.22 -9.41
C TRP B 61 0.20 1.91 -8.99
N SER B 62 -0.90 1.20 -8.75
CA SER B 62 -2.12 1.86 -8.29
C SER B 62 -1.99 2.26 -6.83
N PHE B 63 -2.61 3.38 -6.48
CA PHE B 63 -2.47 4.02 -5.18
C PHE B 63 -3.45 3.44 -4.15
N TYR B 64 -3.09 3.55 -2.88
CA TYR B 64 -4.02 3.22 -1.79
C TYR B 64 -3.83 4.19 -0.63
N LEU B 65 -4.91 4.39 0.13
CA LEU B 65 -4.96 5.30 1.27
C LEU B 65 -5.97 4.77 2.28
N LEU B 66 -5.70 4.98 3.55
CA LEU B 66 -6.61 4.62 4.64
C LEU B 66 -7.09 5.88 5.33
N TYR B 67 -8.40 6.08 5.37
CA TYR B 67 -9.02 7.14 6.16
C TYR B 67 -9.68 6.50 7.38
N TYR B 68 -9.52 7.14 8.54
CA TYR B 68 -9.98 6.50 9.77
C TYR B 68 -10.37 7.55 10.80
N THR B 69 -11.22 7.12 11.74
CA THR B 69 -11.60 7.98 12.85
C THR B 69 -12.01 7.10 14.03
N GLU B 70 -11.76 7.61 15.23
CA GLU B 70 -12.20 6.92 16.43
C GLU B 70 -13.70 7.10 16.59
N PHE B 71 -14.38 6.03 17.00
CA PHE B 71 -15.82 6.11 17.21
C PHE B 71 -16.25 5.01 18.17
N THR B 72 -17.43 5.20 18.73
CA THR B 72 -18.06 4.21 19.58
C THR B 72 -19.38 3.83 18.91
N PRO B 73 -19.50 2.63 18.34
CA PRO B 73 -20.73 2.28 17.62
C PRO B 73 -21.91 2.10 18.57
N THR B 74 -23.10 2.37 18.03
CA THR B 74 -24.36 2.20 18.73
C THR B 74 -25.31 1.40 17.84
N GLU B 75 -26.53 1.16 18.34
CA GLU B 75 -27.47 0.32 17.62
C GLU B 75 -27.97 0.96 16.33
N LYS B 76 -28.30 2.25 16.38
CA LYS B 76 -28.96 2.89 15.25
C LYS B 76 -28.13 3.96 14.54
N ASP B 77 -26.89 4.19 14.95
CA ASP B 77 -26.05 5.13 14.21
C ASP B 77 -25.62 4.49 12.89
N GLU B 78 -25.68 5.28 11.82
CA GLU B 78 -25.39 4.81 10.48
C GLU B 78 -24.15 5.53 9.96
N TYR B 79 -23.17 4.77 9.48
CA TYR B 79 -21.92 5.33 9.00
C TYR B 79 -21.71 4.95 7.54
N ALA B 80 -20.96 5.79 6.82
CA ALA B 80 -20.68 5.53 5.41
C ALA B 80 -19.43 6.29 5.01
N CYS B 81 -18.89 5.91 3.85
CA CYS B 81 -17.76 6.59 3.23
C CYS B 81 -18.19 7.17 1.89
N ARG B 82 -17.79 8.41 1.61
CA ARG B 82 -18.09 9.09 0.36
C ARG B 82 -16.77 9.37 -0.36
N VAL B 83 -16.68 8.91 -1.61
CA VAL B 83 -15.43 8.94 -2.38
C VAL B 83 -15.69 9.59 -3.73
N ASN B 84 -14.90 10.60 -4.06
CA ASN B 84 -14.97 11.24 -5.36
C ASN B 84 -13.63 11.12 -6.06
N HIS B 85 -13.67 10.83 -7.36
CA HIS B 85 -12.48 10.56 -8.16
C HIS B 85 -12.78 10.92 -9.60
N VAL B 86 -11.71 11.12 -10.39
CA VAL B 86 -11.87 11.53 -11.78
C VAL B 86 -12.62 10.48 -12.61
N THR B 87 -12.66 9.24 -12.15
CA THR B 87 -13.40 8.18 -12.84
C THR B 87 -14.89 8.17 -12.52
N LEU B 88 -15.30 8.85 -11.44
CA LEU B 88 -16.69 8.80 -10.99
C LEU B 88 -17.39 10.09 -11.43
N SER B 89 -18.46 9.94 -12.21
CA SER B 89 -19.25 11.10 -12.56
C SER B 89 -19.96 11.68 -11.35
N GLN B 90 -20.29 10.83 -10.38
CA GLN B 90 -20.93 11.24 -9.14
C GLN B 90 -20.19 10.61 -7.96
N PRO B 91 -20.17 11.27 -6.81
CA PRO B 91 -19.49 10.70 -5.64
C PRO B 91 -20.14 9.39 -5.21
N LYS B 92 -19.32 8.34 -5.13
CA LYS B 92 -19.79 7.04 -4.71
C LYS B 92 -19.88 6.98 -3.19
N ILE B 93 -20.93 6.34 -2.69
CA ILE B 93 -21.13 6.18 -1.26
C ILE B 93 -21.25 4.68 -0.97
N VAL B 94 -20.44 4.20 -0.04
CA VAL B 94 -20.50 2.83 0.45
C VAL B 94 -20.83 2.90 1.94
N LYS B 95 -21.94 2.29 2.33
CA LYS B 95 -22.34 2.31 3.73
C LYS B 95 -21.63 1.20 4.50
N TRP B 96 -21.50 1.40 5.81
CA TRP B 96 -20.82 0.44 6.68
C TRP B 96 -21.76 -0.71 7.00
N ASP B 97 -21.32 -1.94 6.71
CA ASP B 97 -22.04 -3.15 7.07
C ASP B 97 -21.23 -3.85 8.16
N ARG B 98 -21.73 -3.81 9.40
CA ARG B 98 -20.96 -4.40 10.48
C ARG B 98 -21.12 -5.91 10.56
N ASP B 99 -22.27 -6.45 10.14
CA ASP B 99 -22.63 -7.84 10.35
C ASP B 99 -22.12 -8.77 9.26
N MET B 100 -21.07 -8.40 8.53
CA MET B 100 -20.56 -9.27 7.47
C MET B 100 -20.02 -10.57 8.07
N GLY C 1 17.16 4.62 5.82
CA GLY C 1 18.13 5.42 5.08
C GLY C 1 17.84 5.42 3.59
N ALA C 2 17.35 6.54 3.09
CA ALA C 2 17.00 6.65 1.69
C ALA C 2 18.24 6.79 0.81
N ASP C 3 18.05 6.47 -0.47
CA ASP C 3 19.07 6.61 -1.49
C ASP C 3 19.26 8.08 -1.85
N GLY C 4 20.50 8.45 -2.19
CA GLY C 4 20.77 9.78 -2.70
C GLY C 4 20.44 9.89 -4.18
N VAL C 5 20.28 11.13 -4.64
CA VAL C 5 19.99 11.35 -6.05
C VAL C 5 21.16 10.87 -6.90
N GLY C 6 20.87 10.48 -8.13
CA GLY C 6 21.80 9.76 -8.97
C GLY C 6 22.62 10.66 -9.89
N LYS C 7 22.95 10.11 -11.05
CA LYS C 7 23.79 10.82 -12.01
C LYS C 7 23.00 11.85 -12.82
N SER C 8 21.68 11.73 -12.85
CA SER C 8 20.88 12.47 -13.82
C SER C 8 19.41 12.32 -13.49
N ALA C 9 18.61 13.26 -14.00
CA ALA C 9 17.17 13.07 -14.02
C ALA C 9 16.82 12.09 -15.13
N LEU C 10 15.56 11.68 -15.18
CA LEU C 10 15.10 10.78 -16.24
C LEU C 10 15.25 11.46 -17.59
#